data_5WQ3
#
_entry.id   5WQ3
#
_cell.length_a   98.701
_cell.length_b   173.623
_cell.length_c   79.903
_cell.angle_alpha   90.000
_cell.angle_beta   90.000
_cell.angle_gamma   90.000
#
_symmetry.space_group_name_H-M   'C 2 2 21'
#
loop_
_entity.id
_entity.type
_entity.pdbx_description
1 polymer "Cytokinin riboside 5'-monophosphate phosphoribohydrolase"
2 non-polymer 'PENTAETHYLENE GLYCOL'
3 non-polymer GLYCEROL
4 non-polymer 'PHOSPHATE ION'
5 non-polymer 1,2-ETHANEDIOL
6 non-polymer 'CHLORIDE ION'
7 non-polymer 'TRIETHYLENE GLYCOL'
8 water water
#
_entity_poly.entity_id   1
_entity_poly.type   'polypeptide(L)'
_entity_poly.pdbx_seq_one_letter_code
;MAPKQTPSPEKNRNLVGPVLQRRQTEGTFDQRLLEMRADHNWKHADPWRVLRIQSEFVAGFDALHEMPKAVTVFGSARIK
EDHPYYKAGVELGEKLVAADYAVVTGGGPGLMEAPNKGASEANGLSVGLGIELPHEQHLNPYVDLGLNFRYFFARKTMFL
KYSQAFVCLPGGFGTLDELFEVLCMVQTGKVTNFPIVLIGTEFWAGLVDWIRHRLVEEGMIDEKDVDRMLVTDDLDQAVK
FIVDAHAGLDVARRHNLEHHHHHH
;
_entity_poly.pdbx_strand_id   A,B,C
#
# COMPACT_ATOMS: atom_id res chain seq x y z
N TRP A 42 14.53 10.28 21.92
CA TRP A 42 13.85 10.68 20.68
C TRP A 42 14.48 10.10 19.41
N LYS A 43 15.76 9.74 19.47
CA LYS A 43 16.46 9.22 18.30
C LYS A 43 15.85 7.97 17.76
N HIS A 44 15.42 7.09 18.65
CA HIS A 44 14.86 5.82 18.20
C HIS A 44 13.36 5.78 18.13
N ALA A 45 12.73 6.89 18.47
CA ALA A 45 11.29 7.01 18.40
C ALA A 45 10.80 7.38 17.01
N ASP A 46 9.51 7.25 16.81
CA ASP A 46 8.94 7.29 15.47
C ASP A 46 8.98 8.64 14.74
N PRO A 47 8.81 9.78 15.55
CA PRO A 47 8.88 11.05 14.81
C PRO A 47 10.22 11.27 14.09
N TRP A 48 11.32 11.03 14.76
CA TRP A 48 12.61 11.18 14.13
C TRP A 48 12.75 10.17 13.02
N ARG A 49 12.26 8.98 13.23
CA ARG A 49 12.34 7.91 12.26
C ARG A 49 11.72 8.26 10.92
N VAL A 50 10.52 8.79 10.96
CA VAL A 50 9.82 9.21 9.78
C VAL A 50 10.66 10.26 9.03
N LEU A 51 11.19 11.22 9.76
CA LEU A 51 12.07 12.23 9.20
C LEU A 51 13.35 11.66 8.57
N ARG A 52 13.94 10.69 9.24
CA ARG A 52 15.09 10.01 8.72
C ARG A 52 14.76 9.21 7.46
N ILE A 53 13.60 8.60 7.45
CA ILE A 53 13.21 7.80 6.33
C ILE A 53 13.11 8.72 5.17
N GLN A 54 12.35 9.78 5.34
CA GLN A 54 12.21 10.78 4.32
C GLN A 54 13.55 11.26 3.83
N SER A 55 14.42 11.60 4.75
CA SER A 55 15.66 12.18 4.37
C SER A 55 16.40 11.24 3.41
N GLU A 56 16.24 9.94 3.61
CA GLU A 56 16.94 8.95 2.80
C GLU A 56 16.34 8.79 1.41
N PHE A 57 15.01 8.79 1.34
CA PHE A 57 14.37 8.89 0.03
C PHE A 57 14.75 10.16 -0.76
N VAL A 58 14.79 11.34 -0.11
CA VAL A 58 15.13 12.58 -0.79
C VAL A 58 16.59 12.42 -1.35
N ALA A 59 17.48 11.98 -0.51
CA ALA A 59 18.87 11.83 -0.94
C ALA A 59 19.05 10.87 -2.07
N GLY A 60 18.36 9.72 -2.01
CA GLY A 60 18.48 8.77 -3.09
C GLY A 60 17.95 9.29 -4.39
N PHE A 61 16.72 9.84 -4.38
CA PHE A 61 16.09 10.31 -5.60
C PHE A 61 16.92 11.44 -6.21
N ASP A 62 17.46 12.28 -5.36
CA ASP A 62 18.24 13.41 -5.85
C ASP A 62 19.53 12.92 -6.51
N ALA A 63 20.26 12.06 -5.85
CA ALA A 63 21.54 11.55 -6.44
C ALA A 63 21.38 10.66 -7.70
N LEU A 64 20.19 10.05 -7.93
CA LEU A 64 19.99 9.11 -9.07
C LEU A 64 19.09 9.67 -10.20
N HIS A 65 18.58 10.86 -9.94
CA HIS A 65 17.69 11.56 -10.86
C HIS A 65 18.19 11.60 -12.33
N GLU A 66 19.49 11.77 -12.53
CA GLU A 66 20.07 11.90 -13.89
C GLU A 66 20.49 10.56 -14.50
N MET A 67 20.14 9.44 -13.87
CA MET A 67 20.62 8.15 -14.31
C MET A 67 20.24 7.90 -15.76
N PRO A 68 21.17 7.42 -16.55
CA PRO A 68 20.71 6.97 -17.87
C PRO A 68 20.09 5.58 -17.73
N LYS A 69 19.59 5.01 -18.83
CA LYS A 69 19.04 3.64 -18.88
C LYS A 69 20.03 2.66 -18.22
N ALA A 70 19.47 1.72 -17.48
CA ALA A 70 20.28 0.84 -16.65
C ALA A 70 19.65 -0.52 -16.44
N VAL A 71 20.52 -1.44 -16.05
CA VAL A 71 20.12 -2.75 -15.69
C VAL A 71 20.63 -2.99 -14.33
N THR A 72 19.80 -3.59 -13.46
CA THR A 72 20.21 -4.07 -12.12
C THR A 72 20.58 -5.54 -12.23
N VAL A 73 21.76 -5.86 -11.75
CA VAL A 73 22.29 -7.20 -11.68
C VAL A 73 22.49 -7.61 -10.23
N PHE A 74 21.82 -8.69 -9.82
N PHE A 74 21.82 -8.69 -9.83
CA PHE A 74 22.03 -9.32 -8.55
CA PHE A 74 22.00 -9.32 -8.55
C PHE A 74 22.70 -10.69 -8.63
C PHE A 74 22.74 -10.65 -8.64
N GLY A 75 23.21 -11.11 -7.49
CA GLY A 75 23.82 -12.42 -7.35
C GLY A 75 24.56 -12.57 -6.07
N SER A 76 25.03 -13.80 -5.77
CA SER A 76 25.68 -14.15 -4.49
C SER A 76 26.92 -13.33 -4.10
N ALA A 77 26.97 -12.84 -2.88
CA ALA A 77 28.12 -12.12 -2.37
C ALA A 77 29.34 -13.05 -2.07
N ARG A 78 29.09 -14.34 -2.04
CA ARG A 78 30.06 -15.31 -1.51
C ARG A 78 30.94 -15.99 -2.55
N ILE A 79 30.58 -15.86 -3.79
CA ILE A 79 31.30 -16.51 -4.88
C ILE A 79 32.60 -15.77 -5.17
N LYS A 80 33.68 -16.51 -5.38
CA LYS A 80 34.99 -15.93 -5.61
C LYS A 80 35.38 -15.65 -7.05
N GLU A 81 36.43 -14.85 -7.23
CA GLU A 81 36.79 -14.35 -8.55
C GLU A 81 37.27 -15.37 -9.57
N ASP A 82 37.44 -16.61 -9.20
CA ASP A 82 37.98 -17.60 -10.09
C ASP A 82 36.93 -18.62 -10.41
N HIS A 83 35.70 -18.25 -10.15
CA HIS A 83 34.60 -19.12 -10.33
C HIS A 83 33.89 -18.70 -11.65
N PRO A 84 33.44 -19.70 -12.44
CA PRO A 84 32.71 -19.54 -13.68
C PRO A 84 31.59 -18.51 -13.58
N TYR A 85 30.75 -18.58 -12.56
CA TYR A 85 29.72 -17.55 -12.39
C TYR A 85 30.30 -16.11 -12.32
N TYR A 86 31.42 -15.93 -11.63
CA TYR A 86 32.07 -14.62 -11.56
C TYR A 86 32.55 -14.16 -12.91
N LYS A 87 33.10 -15.10 -13.70
CA LYS A 87 33.57 -14.77 -15.07
C LYS A 87 32.42 -14.33 -15.89
N ALA A 88 31.32 -15.05 -15.78
CA ALA A 88 30.15 -14.65 -16.53
C ALA A 88 29.66 -13.26 -16.09
N GLY A 89 29.63 -13.02 -14.79
CA GLY A 89 29.19 -11.69 -14.28
C GLY A 89 30.06 -10.58 -14.86
N VAL A 90 31.36 -10.83 -14.93
CA VAL A 90 32.23 -9.88 -15.55
C VAL A 90 31.86 -9.66 -17.00
N GLU A 91 31.73 -10.73 -17.73
CA GLU A 91 31.38 -10.61 -19.11
C GLU A 91 30.01 -9.97 -19.27
N LEU A 92 29.08 -10.25 -18.39
CA LEU A 92 27.78 -9.59 -18.47
C LEU A 92 27.89 -8.08 -18.33
N GLY A 93 28.66 -7.61 -17.37
CA GLY A 93 28.98 -6.18 -17.17
C GLY A 93 29.40 -5.45 -18.46
N GLU A 94 30.42 -6.01 -19.09
CA GLU A 94 30.98 -5.48 -20.32
C GLU A 94 29.99 -5.39 -21.43
N LYS A 95 29.20 -6.44 -21.64
CA LYS A 95 28.25 -6.46 -22.72
C LYS A 95 27.09 -5.52 -22.54
N LEU A 96 26.56 -5.42 -21.31
CA LEU A 96 25.59 -4.40 -21.02
C LEU A 96 26.10 -2.96 -21.35
N VAL A 97 27.33 -2.65 -20.97
CA VAL A 97 27.88 -1.33 -21.32
C VAL A 97 27.97 -1.18 -22.84
N ALA A 98 28.47 -2.22 -23.51
CA ALA A 98 28.44 -2.24 -24.99
C ALA A 98 27.05 -2.00 -25.53
N ALA A 99 25.99 -2.38 -24.83
CA ALA A 99 24.65 -2.03 -25.32
C ALA A 99 24.14 -0.69 -24.81
N ASP A 100 25.03 0.09 -24.20
CA ASP A 100 24.73 1.45 -23.71
C ASP A 100 23.95 1.47 -22.37
N TYR A 101 24.17 0.48 -21.49
CA TYR A 101 23.45 0.42 -20.22
C TYR A 101 24.39 0.72 -19.07
N ALA A 102 23.90 1.54 -18.13
CA ALA A 102 24.55 1.57 -16.85
C ALA A 102 24.24 0.21 -16.17
N VAL A 103 25.20 -0.27 -15.38
CA VAL A 103 25.11 -1.43 -14.54
C VAL A 103 24.98 -1.05 -13.05
N VAL A 104 23.86 -1.48 -12.44
CA VAL A 104 23.54 -1.19 -11.04
C VAL A 104 23.57 -2.50 -10.25
N THR A 105 24.31 -2.54 -9.14
CA THR A 105 24.35 -3.66 -8.23
C THR A 105 24.24 -3.15 -6.79
N GLY A 106 24.13 -4.05 -5.83
CA GLY A 106 24.10 -3.65 -4.45
C GLY A 106 25.51 -3.32 -3.94
N GLY A 107 26.52 -3.41 -4.83
CA GLY A 107 27.84 -2.88 -4.48
C GLY A 107 28.69 -3.76 -3.60
N GLY A 108 28.22 -4.93 -3.18
CA GLY A 108 29.01 -5.80 -2.31
C GLY A 108 30.06 -6.62 -3.10
N PRO A 109 30.61 -7.65 -2.46
CA PRO A 109 31.58 -8.52 -3.14
C PRO A 109 30.90 -9.62 -3.97
N GLY A 110 31.69 -10.56 -4.47
CA GLY A 110 31.16 -11.65 -5.25
C GLY A 110 30.52 -11.30 -6.55
N LEU A 111 29.32 -11.80 -6.78
CA LEU A 111 28.60 -11.58 -8.02
C LEU A 111 27.90 -10.22 -8.12
N MET A 112 28.08 -9.34 -7.12
CA MET A 112 27.87 -7.89 -7.29
C MET A 112 29.11 -7.24 -7.87
N GLU A 113 30.26 -7.61 -7.35
CA GLU A 113 31.53 -7.09 -7.85
C GLU A 113 31.72 -7.42 -9.31
N ALA A 114 31.48 -8.68 -9.67
CA ALA A 114 31.77 -9.10 -11.03
C ALA A 114 31.15 -8.21 -12.12
N PRO A 115 29.82 -7.95 -12.10
CA PRO A 115 29.28 -7.03 -13.07
C PRO A 115 29.73 -5.57 -12.91
N ASN A 116 30.07 -5.12 -11.71
CA ASN A 116 30.55 -3.77 -11.60
C ASN A 116 31.92 -3.73 -12.34
N LYS A 117 32.75 -4.73 -12.10
CA LYS A 117 34.09 -4.77 -12.69
C LYS A 117 34.09 -4.76 -14.20
N GLY A 118 33.29 -5.64 -14.78
CA GLY A 118 33.04 -5.67 -16.20
C GLY A 118 32.61 -4.34 -16.74
N ALA A 119 31.63 -3.69 -16.11
CA ALA A 119 31.11 -2.46 -16.62
C ALA A 119 32.14 -1.29 -16.52
N SER A 120 32.86 -1.25 -15.41
CA SER A 120 33.75 -0.18 -15.09
C SER A 120 34.98 -0.21 -16.03
N GLU A 121 35.53 -1.39 -16.18
CA GLU A 121 36.69 -1.62 -17.02
C GLU A 121 36.40 -1.53 -18.51
N ALA A 122 35.14 -1.56 -18.88
CA ALA A 122 34.72 -1.17 -20.21
C ALA A 122 34.38 0.30 -20.31
N ASN A 123 34.76 1.08 -19.30
CA ASN A 123 34.47 2.52 -19.23
C ASN A 123 33.01 2.87 -19.40
N GLY A 124 32.12 2.01 -18.91
CA GLY A 124 30.70 2.40 -18.68
C GLY A 124 30.46 2.89 -17.27
N LEU A 125 29.18 3.20 -16.98
CA LEU A 125 28.76 3.65 -15.64
C LEU A 125 28.40 2.44 -14.75
N SER A 126 29.18 2.23 -13.71
CA SER A 126 29.01 1.14 -12.75
C SER A 126 28.52 1.74 -11.40
N VAL A 127 27.33 1.34 -11.00
CA VAL A 127 26.66 1.93 -9.81
C VAL A 127 26.58 0.84 -8.74
N GLY A 128 26.81 1.21 -7.49
CA GLY A 128 26.72 0.31 -6.39
C GLY A 128 25.82 1.05 -5.38
N LEU A 129 24.71 0.40 -4.98
CA LEU A 129 23.80 0.88 -3.95
C LEU A 129 23.91 -0.02 -2.71
N GLY A 130 24.65 0.46 -1.75
CA GLY A 130 25.09 -0.31 -0.60
C GLY A 130 24.09 -0.20 0.49
N ILE A 131 24.16 -1.12 1.42
CA ILE A 131 23.27 -1.17 2.56
C ILE A 131 24.09 -1.27 3.82
N GLU A 132 23.69 -0.58 4.87
CA GLU A 132 24.34 -0.76 6.16
C GLU A 132 23.80 -2.04 6.81
N LEU A 133 24.70 -2.97 7.08
CA LEU A 133 24.39 -4.27 7.64
C LEU A 133 25.19 -4.51 8.92
N PRO A 134 24.73 -5.44 9.75
CA PRO A 134 25.47 -5.74 10.98
C PRO A 134 26.84 -6.25 10.59
N HIS A 135 26.90 -7.00 9.52
CA HIS A 135 28.08 -7.23 8.70
C HIS A 135 29.20 -6.27 9.04
N HIS A 138 30.79 -2.93 2.67
CA HIS A 138 31.68 -1.91 2.13
C HIS A 138 31.73 -2.06 0.63
N LEU A 139 31.67 -0.97 -0.10
CA LEU A 139 31.50 -1.04 -1.53
C LEU A 139 32.72 -1.60 -2.23
N ASN A 140 32.51 -2.37 -3.27
CA ASN A 140 33.62 -3.00 -3.95
C ASN A 140 34.41 -1.99 -4.74
N PRO A 141 35.74 -2.33 -5.01
CA PRO A 141 36.49 -1.28 -5.71
C PRO A 141 36.10 -0.90 -7.12
N TYR A 142 35.08 -1.50 -7.69
CA TYR A 142 34.72 -1.21 -9.04
C TYR A 142 33.44 -0.39 -9.18
N VAL A 143 32.95 0.13 -8.08
CA VAL A 143 31.80 1.00 -8.09
C VAL A 143 32.26 2.40 -8.37
N ASP A 144 31.76 3.01 -9.43
CA ASP A 144 32.05 4.37 -9.80
C ASP A 144 31.10 5.35 -9.07
N LEU A 145 29.82 5.07 -9.06
CA LEU A 145 28.85 5.87 -8.36
C LEU A 145 28.31 5.01 -7.22
N GLY A 146 28.75 5.32 -6.01
CA GLY A 146 28.45 4.57 -4.83
C GLY A 146 27.49 5.33 -3.91
N LEU A 147 26.43 4.68 -3.49
CA LEU A 147 25.52 5.21 -2.52
C LEU A 147 25.32 4.23 -1.35
N ASN A 148 25.17 4.73 -0.14
CA ASN A 148 24.87 3.87 0.99
C ASN A 148 23.52 4.21 1.61
N PHE A 149 22.78 3.17 1.94
CA PHE A 149 21.41 3.31 2.44
C PHE A 149 21.33 2.67 3.82
N ARG A 150 20.63 3.31 4.72
CA ARG A 150 20.38 2.76 6.02
C ARG A 150 19.17 1.85 5.94
N TYR A 151 18.19 2.22 5.14
CA TYR A 151 16.90 1.48 5.11
C TYR A 151 16.81 0.53 3.91
N PHE A 152 16.60 -0.74 4.21
CA PHE A 152 16.43 -1.80 3.24
C PHE A 152 15.36 -1.45 2.23
N PHE A 153 14.26 -0.96 2.73
CA PHE A 153 13.15 -0.68 1.84
C PHE A 153 13.44 0.52 0.91
N ALA A 154 14.28 1.48 1.32
CA ALA A 154 14.63 2.59 0.43
C ALA A 154 15.55 2.10 -0.64
N ARG A 155 16.53 1.33 -0.25
CA ARG A 155 17.48 0.82 -1.28
C ARG A 155 16.72 -0.02 -2.35
N LYS A 156 15.79 -0.88 -1.94
CA LYS A 156 14.99 -1.72 -2.90
C LYS A 156 14.23 -0.90 -3.86
N THR A 157 13.67 0.21 -3.36
CA THR A 157 12.89 1.08 -4.23
C THR A 157 13.77 1.69 -5.33
N MET A 158 15.01 2.01 -4.96
CA MET A 158 15.96 2.57 -5.91
C MET A 158 16.20 1.65 -7.10
N PHE A 159 16.44 0.36 -6.87
CA PHE A 159 16.68 -0.62 -7.94
C PHE A 159 15.56 -0.61 -8.97
N LEU A 160 14.33 -0.58 -8.48
CA LEU A 160 13.18 -0.59 -9.32
C LEU A 160 12.88 0.71 -10.04
N LYS A 161 13.19 1.83 -9.40
CA LYS A 161 12.93 3.14 -9.96
C LYS A 161 13.98 3.63 -10.93
N TYR A 162 15.21 3.14 -10.83
CA TYR A 162 16.29 3.64 -11.62
C TYR A 162 16.97 2.58 -12.48
N SER A 163 16.27 1.49 -12.75
CA SER A 163 16.71 0.53 -13.75
C SER A 163 15.50 0.07 -14.51
N GLN A 164 15.71 -0.53 -15.69
CA GLN A 164 14.57 -0.90 -16.54
C GLN A 164 14.60 -2.40 -16.91
N ALA A 165 15.46 -3.16 -16.23
CA ALA A 165 15.52 -4.62 -16.27
C ALA A 165 16.35 -5.15 -15.12
N PHE A 166 16.07 -6.40 -14.73
N PHE A 166 16.27 -6.45 -14.96
CA PHE A 166 16.80 -7.16 -13.70
CA PHE A 166 16.85 -7.16 -13.88
C PHE A 166 17.43 -8.40 -14.37
C PHE A 166 17.45 -8.45 -14.40
N VAL A 167 18.71 -8.68 -14.07
CA VAL A 167 19.37 -9.93 -14.38
C VAL A 167 19.87 -10.57 -13.12
N CYS A 168 19.43 -11.78 -12.82
N CYS A 168 19.54 -11.83 -12.96
CA CYS A 168 19.87 -12.50 -11.64
CA CYS A 168 19.85 -12.56 -11.77
C CYS A 168 20.90 -13.59 -11.98
C CYS A 168 20.91 -13.62 -12.02
N LEU A 169 22.12 -13.37 -11.55
CA LEU A 169 23.08 -14.39 -11.52
C LEU A 169 22.72 -15.28 -10.29
N PRO A 170 23.33 -16.45 -10.19
CA PRO A 170 22.96 -17.34 -9.09
C PRO A 170 23.28 -16.70 -7.75
N GLY A 171 22.37 -16.90 -6.82
CA GLY A 171 22.48 -16.33 -5.49
C GLY A 171 21.62 -17.01 -4.46
N GLY A 172 21.76 -16.49 -3.26
CA GLY A 172 21.07 -16.95 -2.12
C GLY A 172 19.84 -16.13 -1.86
N PHE A 173 19.56 -15.93 -0.60
CA PHE A 173 18.25 -15.40 -0.18
C PHE A 173 18.11 -13.98 -0.53
N GLY A 174 19.20 -13.21 -0.49
CA GLY A 174 19.15 -11.83 -0.92
C GLY A 174 18.81 -11.67 -2.37
N THR A 175 19.44 -12.49 -3.19
CA THR A 175 19.09 -12.55 -4.61
C THR A 175 17.67 -12.97 -4.86
N LEU A 176 17.21 -14.00 -4.16
CA LEU A 176 15.85 -14.48 -4.33
C LEU A 176 14.79 -13.47 -3.88
N ASP A 177 15.07 -12.80 -2.78
CA ASP A 177 14.21 -11.65 -2.29
C ASP A 177 13.99 -10.65 -3.39
N GLU A 178 15.09 -10.26 -4.05
CA GLU A 178 14.92 -9.28 -5.17
C GLU A 178 14.17 -9.89 -6.32
N LEU A 179 14.55 -11.11 -6.69
CA LEU A 179 13.86 -11.75 -7.82
C LEU A 179 12.38 -11.82 -7.62
N PHE A 180 11.91 -12.25 -6.46
CA PHE A 180 10.43 -12.36 -6.28
C PHE A 180 9.64 -11.05 -6.17
N GLU A 181 10.28 -10.03 -5.62
CA GLU A 181 9.80 -8.67 -5.58
C GLU A 181 9.59 -8.13 -7.03
N VAL A 182 10.60 -8.27 -7.89
N VAL A 182 10.64 -8.29 -7.86
CA VAL A 182 10.43 -7.74 -9.23
CA VAL A 182 10.58 -7.85 -9.25
C VAL A 182 9.40 -8.59 -10.01
C VAL A 182 9.45 -8.59 -9.98
N LEU A 183 9.40 -9.92 -9.81
CA LEU A 183 8.35 -10.74 -10.44
C LEU A 183 7.00 -10.24 -10.01
N CYS A 184 6.84 -9.85 -8.75
N CYS A 184 6.87 -9.83 -8.76
CA CYS A 184 5.54 -9.28 -8.29
CA CYS A 184 5.57 -9.32 -8.26
C CYS A 184 5.19 -7.95 -8.94
C CYS A 184 5.19 -7.92 -8.83
N MET A 185 6.18 -7.07 -9.03
CA MET A 185 5.98 -5.72 -9.59
C MET A 185 5.54 -5.77 -11.07
N VAL A 186 6.11 -6.73 -11.79
CA VAL A 186 5.78 -6.97 -13.18
C VAL A 186 4.36 -7.50 -13.23
N GLN A 187 4.10 -8.52 -12.42
CA GLN A 187 2.79 -9.19 -12.42
C GLN A 187 1.64 -8.21 -12.11
N THR A 188 1.90 -7.20 -11.30
CA THR A 188 0.84 -6.26 -10.87
C THR A 188 0.81 -4.97 -11.70
N GLY A 189 1.72 -4.83 -12.66
CA GLY A 189 1.79 -3.64 -13.46
C GLY A 189 2.47 -2.46 -12.79
N LYS A 190 3.15 -2.63 -11.65
CA LYS A 190 3.82 -1.44 -11.06
C LYS A 190 5.03 -1.05 -11.85
N VAL A 191 5.64 -2.00 -12.56
CA VAL A 191 6.63 -1.67 -13.57
C VAL A 191 6.21 -2.33 -14.88
N THR A 192 6.55 -1.74 -16.05
CA THR A 192 6.32 -2.32 -17.36
C THR A 192 7.59 -2.36 -18.21
N ASN A 193 7.56 -3.13 -19.29
CA ASN A 193 8.71 -3.29 -20.17
C ASN A 193 9.98 -3.51 -19.41
N PHE A 194 9.91 -4.44 -18.47
CA PHE A 194 10.93 -4.71 -17.48
C PHE A 194 11.37 -6.15 -17.63
N PRO A 195 12.30 -6.40 -18.52
CA PRO A 195 12.74 -7.77 -18.66
C PRO A 195 13.40 -8.35 -17.43
N ILE A 196 13.13 -9.61 -17.19
CA ILE A 196 13.76 -10.37 -16.15
C ILE A 196 14.52 -11.51 -16.77
N VAL A 197 15.80 -11.62 -16.44
CA VAL A 197 16.60 -12.68 -16.96
C VAL A 197 17.28 -13.42 -15.82
N LEU A 198 17.30 -14.72 -15.90
CA LEU A 198 18.04 -15.54 -14.98
C LEU A 198 19.18 -16.18 -15.70
N ILE A 199 20.38 -16.08 -15.15
CA ILE A 199 21.57 -16.67 -15.70
C ILE A 199 22.04 -17.90 -14.94
N GLY A 200 22.15 -19.02 -15.64
CA GLY A 200 22.65 -20.28 -15.07
C GLY A 200 21.54 -21.30 -15.12
N THR A 201 21.52 -22.09 -16.19
CA THR A 201 20.45 -23.06 -16.44
C THR A 201 20.49 -24.17 -15.45
N GLU A 202 21.67 -24.71 -15.21
CA GLU A 202 21.83 -25.74 -14.21
C GLU A 202 21.31 -25.25 -12.87
N PHE A 203 21.66 -24.03 -12.52
CA PHE A 203 21.37 -23.52 -11.21
C PHE A 203 19.89 -23.25 -10.99
N TRP A 204 19.22 -22.69 -11.97
CA TRP A 204 17.86 -22.16 -11.76
C TRP A 204 16.76 -23.18 -12.04
N ALA A 205 17.13 -24.21 -12.82
CA ALA A 205 16.19 -25.27 -13.23
C ALA A 205 15.25 -25.79 -12.16
N GLY A 206 15.82 -26.20 -11.02
CA GLY A 206 15.00 -26.72 -9.91
C GLY A 206 13.93 -25.76 -9.44
N LEU A 207 14.30 -24.48 -9.32
CA LEU A 207 13.32 -23.46 -8.86
C LEU A 207 12.23 -23.28 -9.87
N VAL A 208 12.66 -23.02 -11.09
CA VAL A 208 11.71 -22.85 -12.21
C VAL A 208 10.79 -24.10 -12.35
N ASP A 209 11.40 -25.28 -12.35
CA ASP A 209 10.56 -26.55 -12.36
C ASP A 209 9.56 -26.61 -11.24
N TRP A 210 9.99 -26.25 -10.03
CA TRP A 210 9.05 -26.22 -8.92
C TRP A 210 7.99 -25.18 -9.16
N ILE A 211 8.36 -23.99 -9.59
CA ILE A 211 7.30 -22.97 -9.80
C ILE A 211 6.29 -23.47 -10.91
N ARG A 212 6.78 -24.11 -11.95
CA ARG A 212 5.87 -24.82 -12.93
C ARG A 212 5.07 -25.98 -12.28
N HIS A 213 5.84 -26.99 -11.82
N HIS A 213 5.76 -27.05 -11.86
CA HIS A 213 5.32 -28.26 -11.27
CA HIS A 213 5.04 -28.26 -11.36
C HIS A 213 4.27 -28.06 -10.16
C HIS A 213 4.08 -27.98 -10.22
N ARG A 214 4.31 -26.91 -9.48
CA ARG A 214 3.47 -26.60 -8.33
C ARG A 214 2.68 -25.30 -8.31
N LEU A 215 3.32 -24.17 -8.61
CA LEU A 215 2.59 -22.90 -8.52
C LEU A 215 1.67 -22.71 -9.72
N VAL A 216 2.15 -23.04 -10.91
CA VAL A 216 1.27 -22.94 -12.14
C VAL A 216 0.19 -24.02 -12.01
N GLU A 217 0.60 -25.22 -11.72
CA GLU A 217 -0.32 -26.34 -11.67
C GLU A 217 -1.42 -26.04 -10.67
N GLU A 218 -1.09 -25.48 -9.52
CA GLU A 218 -2.10 -25.12 -8.52
C GLU A 218 -2.78 -23.76 -8.65
N GLY A 219 -2.45 -23.00 -9.67
CA GLY A 219 -3.09 -21.74 -9.91
C GLY A 219 -2.60 -20.56 -9.08
N MET A 220 -1.44 -20.69 -8.47
CA MET A 220 -0.84 -19.61 -7.67
C MET A 220 -0.48 -18.41 -8.55
N ILE A 221 0.04 -18.70 -9.73
CA ILE A 221 0.43 -17.74 -10.73
C ILE A 221 -0.10 -18.17 -12.10
N ASP A 222 -0.10 -17.29 -13.08
CA ASP A 222 -0.38 -17.70 -14.45
C ASP A 222 0.87 -18.20 -15.12
N GLU A 223 0.73 -19.01 -16.13
CA GLU A 223 1.91 -19.51 -16.86
C GLU A 223 2.86 -18.39 -17.33
N LYS A 224 2.28 -17.28 -17.74
CA LYS A 224 3.05 -16.20 -18.33
C LYS A 224 3.96 -15.54 -17.28
N ASP A 225 3.54 -15.59 -16.01
CA ASP A 225 4.35 -15.01 -14.94
C ASP A 225 5.72 -15.63 -14.80
N VAL A 226 5.85 -16.91 -15.13
CA VAL A 226 7.17 -17.57 -15.11
C VAL A 226 7.80 -17.63 -16.50
N ASP A 227 6.93 -17.83 -17.49
CA ASP A 227 7.34 -17.98 -18.90
C ASP A 227 8.06 -16.75 -19.46
N ARG A 228 7.62 -15.57 -19.01
CA ARG A 228 8.19 -14.27 -19.44
C ARG A 228 9.66 -14.08 -19.10
N MET A 229 10.17 -14.84 -18.13
CA MET A 229 11.55 -14.77 -17.76
C MET A 229 12.37 -15.51 -18.79
N LEU A 230 13.54 -15.00 -19.11
CA LEU A 230 14.49 -15.73 -19.87
C LEU A 230 15.45 -16.38 -18.91
N VAL A 231 15.70 -17.69 -19.10
CA VAL A 231 16.68 -18.44 -18.36
C VAL A 231 17.72 -18.87 -19.36
N THR A 232 19.00 -18.51 -19.19
CA THR A 232 19.95 -18.81 -20.23
C THR A 232 21.35 -18.90 -19.68
N ASP A 233 22.22 -19.52 -20.44
CA ASP A 233 23.66 -19.40 -20.21
C ASP A 233 24.34 -18.51 -21.23
N ASP A 234 23.57 -17.84 -22.09
CA ASP A 234 24.14 -17.12 -23.19
C ASP A 234 23.95 -15.61 -22.96
N LEU A 235 25.07 -14.94 -22.73
CA LEU A 235 25.07 -13.57 -22.30
C LEU A 235 24.65 -12.62 -23.40
N ASP A 236 25.13 -12.86 -24.63
CA ASP A 236 24.64 -12.09 -25.81
C ASP A 236 23.12 -12.19 -25.96
N GLN A 237 22.58 -13.37 -25.78
CA GLN A 237 21.15 -13.53 -25.92
C GLN A 237 20.43 -12.85 -24.73
N ALA A 238 21.03 -12.94 -23.53
CA ALA A 238 20.51 -12.20 -22.35
C ALA A 238 20.45 -10.73 -22.67
N VAL A 239 21.56 -10.14 -23.12
CA VAL A 239 21.55 -8.70 -23.51
C VAL A 239 20.59 -8.36 -24.64
N LYS A 240 20.60 -9.18 -25.68
CA LYS A 240 19.72 -8.92 -26.80
C LYS A 240 18.27 -8.98 -26.41
N PHE A 241 17.96 -9.90 -25.52
CA PHE A 241 16.58 -10.02 -25.02
C PHE A 241 16.12 -8.69 -24.37
N ILE A 242 17.04 -8.10 -23.58
CA ILE A 242 16.80 -6.79 -22.93
C ILE A 242 16.71 -5.67 -23.95
N VAL A 243 17.70 -5.58 -24.83
CA VAL A 243 17.65 -4.56 -25.92
C VAL A 243 16.33 -4.66 -26.67
N ASP A 244 15.95 -5.88 -27.08
CA ASP A 244 14.75 -6.05 -27.91
C ASP A 244 13.50 -5.67 -27.14
N ALA A 245 13.41 -6.04 -25.86
CA ALA A 245 12.25 -5.57 -25.08
C ALA A 245 12.24 -4.05 -24.86
N HIS A 246 13.38 -3.40 -24.88
CA HIS A 246 13.39 -1.94 -24.75
C HIS A 246 13.29 -1.14 -26.07
N ALA A 247 13.35 -1.82 -27.20
CA ALA A 247 13.34 -1.14 -28.53
C ALA A 247 12.04 -0.40 -28.75
N GLY A 248 12.13 0.82 -29.29
CA GLY A 248 10.99 1.76 -29.32
C GLY A 248 10.47 2.06 -27.92
N LEU A 249 11.37 2.38 -26.99
CA LEU A 249 11.01 2.69 -25.60
C LEU A 249 9.94 1.74 -24.98
N ASN B 41 2.19 17.66 -14.22
CA ASN B 41 2.07 16.33 -13.64
C ASN B 41 2.84 16.20 -12.34
N TRP B 42 2.44 16.99 -11.37
CA TRP B 42 3.14 16.98 -10.12
C TRP B 42 2.88 15.66 -9.42
N LYS B 43 1.84 14.97 -9.84
CA LYS B 43 1.31 13.88 -9.08
C LYS B 43 2.15 12.63 -9.19
N HIS B 44 2.98 12.59 -10.21
CA HIS B 44 3.84 11.47 -10.46
C HIS B 44 5.28 11.80 -10.18
N ALA B 45 5.55 13.01 -9.70
CA ALA B 45 6.92 13.43 -9.49
C ALA B 45 7.36 13.23 -8.04
N ASP B 46 8.66 13.29 -7.87
CA ASP B 46 9.28 13.05 -6.62
C ASP B 46 8.84 13.85 -5.41
N PRO B 47 8.58 15.14 -5.54
CA PRO B 47 8.18 15.80 -4.27
C PRO B 47 6.95 15.16 -3.68
N TRP B 48 5.98 14.91 -4.52
CA TRP B 48 4.75 14.33 -4.07
C TRP B 48 4.94 12.86 -3.66
N ARG B 49 5.83 12.11 -4.31
CA ARG B 49 6.06 10.76 -3.96
C ARG B 49 6.58 10.74 -2.51
N VAL B 50 7.52 11.63 -2.19
CA VAL B 50 8.12 11.71 -0.88
C VAL B 50 7.09 12.05 0.21
N LEU B 51 6.28 13.07 -0.02
CA LEU B 51 5.22 13.39 0.93
C LEU B 51 4.24 12.18 1.14
N ARG B 52 3.80 11.52 0.05
CA ARG B 52 2.99 10.32 0.10
C ARG B 52 3.61 9.16 0.86
N ILE B 53 4.89 8.93 0.66
CA ILE B 53 5.62 7.94 1.42
C ILE B 53 5.62 8.29 2.86
N GLN B 54 5.94 9.54 3.23
CA GLN B 54 5.91 9.92 4.60
C GLN B 54 4.48 9.70 5.17
N SER B 55 3.47 10.05 4.38
CA SER B 55 2.09 10.04 4.88
C SER B 55 1.77 8.60 5.30
N GLU B 56 2.32 7.64 4.51
CA GLU B 56 2.04 6.22 4.70
C GLU B 56 2.76 5.66 5.86
N PHE B 57 4.04 5.98 6.02
CA PHE B 57 4.70 5.61 7.26
C PHE B 57 4.00 6.19 8.48
N VAL B 58 3.66 7.46 8.45
CA VAL B 58 3.07 8.06 9.62
C VAL B 58 1.79 7.29 9.95
N ALA B 59 0.98 7.03 8.95
CA ALA B 59 -0.38 6.45 9.22
C ALA B 59 -0.25 5.02 9.78
N GLY B 60 0.76 4.27 9.30
CA GLY B 60 1.00 2.95 9.79
C GLY B 60 1.61 2.96 11.18
N PHE B 61 2.67 3.74 11.42
CA PHE B 61 3.20 3.88 12.78
C PHE B 61 2.17 4.35 13.79
N ASP B 62 1.24 5.20 13.36
CA ASP B 62 0.24 5.66 14.30
C ASP B 62 -0.75 4.55 14.65
N ALA B 63 -1.28 3.87 13.66
CA ALA B 63 -2.30 2.87 13.85
C ALA B 63 -1.76 1.62 14.53
N LEU B 64 -0.50 1.28 14.31
CA LEU B 64 0.11 0.07 14.82
C LEU B 64 0.93 0.23 16.10
N HIS B 65 0.95 1.44 16.60
CA HIS B 65 1.75 1.82 17.71
C HIS B 65 1.56 0.88 18.88
N GLU B 66 0.33 0.54 19.18
CA GLU B 66 0.07 -0.22 20.38
C GLU B 66 0.06 -1.74 20.23
N MET B 67 0.30 -2.23 19.04
CA MET B 67 0.29 -3.64 18.73
C MET B 67 0.87 -4.53 19.82
N PRO B 68 0.00 -5.55 20.25
CA PRO B 68 0.64 -6.54 21.10
C PRO B 68 1.36 -7.53 20.21
N LYS B 69 1.91 -8.58 20.79
CA LYS B 69 2.69 -9.54 20.04
C LYS B 69 1.87 -10.15 18.89
N ALA B 70 2.52 -10.44 17.77
CA ALA B 70 1.80 -10.81 16.57
C ALA B 70 2.56 -11.69 15.63
N VAL B 71 1.78 -12.41 14.83
CA VAL B 71 2.27 -13.24 13.78
C VAL B 71 1.70 -12.73 12.45
N THR B 72 2.57 -12.54 11.47
CA THR B 72 2.07 -12.35 10.10
C THR B 72 1.90 -13.64 9.34
N VAL B 73 0.74 -13.77 8.72
CA VAL B 73 0.42 -14.95 7.90
C VAL B 73 0.22 -14.56 6.45
N PHE B 74 0.98 -15.22 5.58
CA PHE B 74 0.91 -15.04 4.14
C PHE B 74 0.32 -16.24 3.42
N GLY B 75 -0.23 -16.01 2.24
CA GLY B 75 -0.72 -17.12 1.38
C GLY B 75 -1.42 -16.56 0.14
N SER B 76 -1.63 -17.41 -0.88
CA SER B 76 -2.24 -17.00 -2.12
C SER B 76 -3.61 -16.35 -1.88
N ALA B 77 -3.84 -15.23 -2.52
CA ALA B 77 -5.13 -14.57 -2.59
C ALA B 77 -6.21 -15.36 -3.38
N ARG B 78 -5.82 -16.27 -4.26
CA ARG B 78 -6.75 -16.92 -5.20
C ARG B 78 -7.40 -18.22 -4.73
N ILE B 79 -7.09 -18.69 -3.53
CA ILE B 79 -7.60 -19.97 -3.03
C ILE B 79 -8.95 -19.72 -2.37
N LYS B 80 -9.97 -20.55 -2.65
CA LYS B 80 -11.32 -20.27 -2.11
C LYS B 80 -11.63 -21.00 -0.83
N GLU B 81 -12.75 -20.67 -0.21
CA GLU B 81 -12.97 -21.13 1.15
C GLU B 81 -13.14 -22.65 1.34
N ASP B 82 -13.54 -23.37 0.31
CA ASP B 82 -13.74 -24.80 0.49
C ASP B 82 -12.43 -25.58 0.31
N HIS B 83 -11.37 -24.90 -0.14
CA HIS B 83 -10.08 -25.56 -0.23
C HIS B 83 -9.48 -25.92 1.14
N PRO B 84 -8.81 -27.09 1.23
CA PRO B 84 -8.11 -27.42 2.43
C PRO B 84 -7.07 -26.40 2.96
N TYR B 85 -6.38 -25.70 2.07
CA TYR B 85 -5.41 -24.69 2.52
C TYR B 85 -6.16 -23.60 3.21
N TYR B 86 -7.37 -23.30 2.72
CA TYR B 86 -8.18 -22.26 3.38
C TYR B 86 -8.63 -22.72 4.72
N LYS B 87 -9.15 -23.94 4.81
CA LYS B 87 -9.55 -24.46 6.11
C LYS B 87 -8.37 -24.47 7.04
N ALA B 88 -7.19 -24.88 6.58
CA ALA B 88 -6.04 -24.81 7.45
C ALA B 88 -5.72 -23.37 7.97
N GLY B 89 -5.88 -22.34 7.12
CA GLY B 89 -5.60 -20.97 7.55
C GLY B 89 -6.59 -20.44 8.55
N VAL B 90 -7.84 -20.89 8.44
CA VAL B 90 -8.85 -20.55 9.50
C VAL B 90 -8.40 -21.13 10.81
N GLU B 91 -7.99 -22.41 10.82
CA GLU B 91 -7.64 -23.03 12.10
C GLU B 91 -6.36 -22.44 12.62
N LEU B 92 -5.39 -22.15 11.75
CA LEU B 92 -4.19 -21.45 12.21
C LEU B 92 -4.54 -20.12 12.90
N GLY B 93 -5.40 -19.30 12.29
CA GLY B 93 -5.82 -18.07 12.91
C GLY B 93 -6.34 -18.31 14.31
N GLU B 94 -7.28 -19.24 14.41
CA GLU B 94 -7.80 -19.63 15.74
C GLU B 94 -6.73 -20.02 16.74
N LYS B 95 -5.80 -20.88 16.35
CA LYS B 95 -4.78 -21.30 17.31
C LYS B 95 -3.82 -20.20 17.69
N LEU B 96 -3.63 -19.21 16.80
CA LEU B 96 -2.70 -18.16 17.09
C LEU B 96 -3.30 -17.28 18.16
N VAL B 97 -4.61 -17.05 18.05
CA VAL B 97 -5.29 -16.23 19.03
C VAL B 97 -5.35 -16.98 20.38
N ALA B 98 -5.58 -18.30 20.36
CA ALA B 98 -5.50 -19.09 21.60
C ALA B 98 -4.12 -18.98 22.22
N ALA B 99 -3.07 -18.83 21.41
CA ALA B 99 -1.74 -18.57 22.00
C ALA B 99 -1.47 -17.08 22.32
N ASP B 100 -2.52 -16.25 22.34
CA ASP B 100 -2.42 -14.85 22.67
C ASP B 100 -1.64 -14.02 21.64
N TYR B 101 -1.66 -14.40 20.36
CA TYR B 101 -1.08 -13.51 19.31
C TYR B 101 -2.17 -12.81 18.54
N ALA B 102 -1.90 -11.60 18.08
CA ALA B 102 -2.67 -10.98 17.01
C ALA B 102 -2.24 -11.62 15.70
N VAL B 103 -3.16 -11.67 14.76
CA VAL B 103 -2.90 -12.27 13.44
C VAL B 103 -2.91 -11.15 12.40
N VAL B 104 -1.80 -11.04 11.64
CA VAL B 104 -1.62 -9.93 10.67
C VAL B 104 -1.59 -10.53 9.31
N THR B 105 -2.36 -10.00 8.39
CA THR B 105 -2.26 -10.40 6.99
C THR B 105 -2.19 -9.20 6.04
N GLY B 106 -2.05 -9.50 4.75
CA GLY B 106 -2.14 -8.55 3.70
C GLY B 106 -3.59 -8.07 3.44
N GLY B 107 -4.58 -8.58 4.15
CA GLY B 107 -5.91 -7.97 4.12
C GLY B 107 -6.82 -8.37 2.95
N GLY B 108 -6.30 -9.07 1.97
CA GLY B 108 -7.08 -9.47 0.81
C GLY B 108 -7.92 -10.73 0.99
N PRO B 109 -8.30 -11.34 -0.13
CA PRO B 109 -9.13 -12.53 -0.09
C PRO B 109 -8.27 -13.79 0.03
N GLY B 110 -8.92 -14.93 -0.03
CA GLY B 110 -8.24 -16.22 -0.09
C GLY B 110 -7.50 -16.55 1.18
N LEU B 111 -6.22 -16.90 1.05
CA LEU B 111 -5.49 -17.33 2.21
C LEU B 111 -4.97 -16.16 3.09
N MET B 112 -5.35 -14.94 2.74
CA MET B 112 -5.22 -13.81 3.64
C MET B 112 -6.49 -13.66 4.45
N GLU B 113 -7.63 -13.90 3.84
CA GLU B 113 -8.87 -13.85 4.59
C GLU B 113 -8.93 -15.01 5.65
N ALA B 114 -8.62 -16.24 5.24
CA ALA B 114 -8.80 -17.40 6.15
C ALA B 114 -8.23 -17.14 7.51
N PRO B 115 -6.93 -16.78 7.62
CA PRO B 115 -6.56 -16.51 9.00
C PRO B 115 -7.23 -15.31 9.72
N ASN B 116 -7.56 -14.27 9.02
CA ASN B 116 -8.32 -13.16 9.59
C ASN B 116 -9.66 -13.70 10.13
N LYS B 117 -10.32 -14.57 9.38
CA LYS B 117 -11.61 -15.22 9.84
C LYS B 117 -11.42 -16.04 11.12
N GLY B 118 -10.42 -16.94 11.10
CA GLY B 118 -10.09 -17.70 12.29
C GLY B 118 -9.86 -16.81 13.48
N ALA B 119 -9.03 -15.76 13.30
CA ALA B 119 -8.66 -14.93 14.44
C ALA B 119 -9.85 -14.12 14.91
N SER B 120 -10.54 -13.57 13.94
CA SER B 120 -11.75 -12.79 14.19
C SER B 120 -12.80 -13.60 14.92
N GLU B 121 -13.08 -14.80 14.43
CA GLU B 121 -14.18 -15.57 15.03
C GLU B 121 -13.81 -16.12 16.39
N ALA B 122 -12.52 -16.23 16.68
CA ALA B 122 -12.08 -16.54 18.03
C ALA B 122 -11.98 -15.30 18.91
N ASN B 123 -12.43 -14.16 18.43
CA ASN B 123 -12.44 -12.95 19.28
C ASN B 123 -11.07 -12.46 19.69
N GLY B 124 -10.07 -12.69 18.84
CA GLY B 124 -8.80 -12.06 19.07
C GLY B 124 -8.66 -10.85 18.15
N LEU B 125 -7.45 -10.40 17.99
CA LEU B 125 -7.22 -9.19 17.20
C LEU B 125 -6.79 -9.55 15.78
N SER B 126 -7.63 -9.18 14.82
CA SER B 126 -7.33 -9.46 13.42
C SER B 126 -6.95 -8.22 12.58
N VAL B 127 -5.76 -8.26 11.97
CA VAL B 127 -5.20 -7.10 11.26
C VAL B 127 -5.00 -7.37 9.79
N GLY B 128 -5.38 -6.37 8.96
CA GLY B 128 -5.18 -6.45 7.55
C GLY B 128 -4.48 -5.21 7.06
N LEU B 129 -3.37 -5.39 6.37
CA LEU B 129 -2.58 -4.28 5.84
C LEU B 129 -2.66 -4.40 4.34
N GLY B 130 -3.68 -3.80 3.71
CA GLY B 130 -3.89 -3.96 2.27
C GLY B 130 -2.95 -3.17 1.40
N ILE B 131 -2.93 -3.52 0.13
CA ILE B 131 -2.21 -2.81 -0.88
C ILE B 131 -3.16 -2.32 -1.95
N GLU B 132 -2.94 -1.11 -2.45
CA GLU B 132 -3.84 -0.54 -3.45
C GLU B 132 -3.52 -1.19 -4.74
N LEU B 133 -4.52 -1.66 -5.45
CA LEU B 133 -4.28 -2.19 -6.77
C LEU B 133 -5.39 -1.79 -7.75
N GLN B 137 -10.34 -2.98 -5.33
CA GLN B 137 -10.46 -4.03 -4.33
C GLN B 137 -10.30 -3.50 -2.90
N HIS B 138 -10.80 -4.26 -1.91
CA HIS B 138 -10.90 -3.78 -0.53
C HIS B 138 -10.44 -4.84 0.48
N LEU B 139 -10.47 -4.50 1.76
CA LEU B 139 -10.02 -5.41 2.80
C LEU B 139 -11.09 -6.43 2.99
N ASN B 140 -10.71 -7.68 3.32
CA ASN B 140 -11.70 -8.74 3.53
C ASN B 140 -12.55 -8.40 4.73
N PRO B 141 -13.73 -9.00 4.85
CA PRO B 141 -14.63 -8.58 5.94
C PRO B 141 -14.30 -9.11 7.36
N TYR B 142 -13.17 -9.80 7.54
CA TYR B 142 -12.79 -10.26 8.85
C TYR B 142 -11.60 -9.47 9.50
N VAL B 143 -11.26 -8.34 8.89
CA VAL B 143 -10.25 -7.42 9.44
C VAL B 143 -10.80 -6.47 10.49
N ASP B 144 -10.38 -6.55 11.76
CA ASP B 144 -10.78 -5.59 12.79
C ASP B 144 -9.97 -4.25 12.67
N LEU B 145 -8.71 -4.33 12.30
CA LEU B 145 -7.84 -3.20 12.23
C LEU B 145 -7.28 -3.25 10.83
N GLY B 146 -7.82 -2.39 9.98
CA GLY B 146 -7.43 -2.30 8.56
C GLY B 146 -6.68 -1.02 8.16
N LEU B 147 -5.68 -1.15 7.30
CA LEU B 147 -5.00 -0.02 6.68
C LEU B 147 -4.70 -0.38 5.24
N ASN B 148 -4.73 0.61 4.35
N ASN B 148 -4.80 0.62 4.36
CA ASN B 148 -4.48 0.41 2.95
CA ASN B 148 -4.49 0.50 2.94
C ASN B 148 -3.29 1.24 2.50
C ASN B 148 -3.19 1.23 2.65
N PHE B 149 -2.32 0.60 1.90
CA PHE B 149 -1.07 1.21 1.49
C PHE B 149 -1.05 1.34 -0.04
N ARG B 150 -0.47 2.41 -0.56
CA ARG B 150 -0.17 2.48 -1.97
C ARG B 150 1.19 1.96 -2.23
N TYR B 151 2.10 2.11 -1.29
CA TYR B 151 3.50 1.72 -1.59
C TYR B 151 3.81 0.34 -1.02
N PHE B 152 3.96 -0.59 -1.92
CA PHE B 152 4.49 -1.89 -1.65
C PHE B 152 5.53 -1.98 -0.55
N PHE B 153 6.59 -1.20 -0.68
CA PHE B 153 7.69 -1.25 0.25
C PHE B 153 7.39 -0.75 1.64
N ALA B 154 6.50 0.21 1.74
CA ALA B 154 6.02 0.64 3.03
C ALA B 154 5.22 -0.45 3.76
N ARG B 155 4.32 -1.11 3.04
CA ARG B 155 3.52 -2.17 3.64
C ARG B 155 4.39 -3.29 4.18
N LYS B 156 5.37 -3.72 3.37
CA LYS B 156 6.28 -4.76 3.75
C LYS B 156 7.03 -4.51 5.02
N THR B 157 7.47 -3.28 5.20
CA THR B 157 8.18 -2.87 6.39
C THR B 157 7.33 -3.06 7.63
N MET B 158 6.08 -2.73 7.51
CA MET B 158 5.22 -2.83 8.63
C MET B 158 5.09 -4.31 9.08
N PHE B 159 5.10 -5.27 8.15
CA PHE B 159 5.07 -6.68 8.60
C PHE B 159 6.26 -7.05 9.48
N LEU B 160 7.46 -6.71 9.04
CA LEU B 160 8.64 -6.94 9.86
C LEU B 160 8.65 -6.14 11.15
N LYS B 161 8.06 -4.95 11.17
CA LYS B 161 8.19 -4.10 12.38
C LYS B 161 7.19 -4.44 13.45
N TYR B 162 6.03 -4.91 13.03
CA TYR B 162 4.89 -5.06 13.95
C TYR B 162 4.47 -6.52 14.09
N SER B 163 5.35 -7.46 13.71
CA SER B 163 5.08 -8.87 14.06
C SER B 163 6.37 -9.55 14.37
N GLN B 164 6.34 -10.70 15.01
CA GLN B 164 7.63 -11.35 15.47
C GLN B 164 7.83 -12.77 14.92
N ALA B 165 7.08 -13.13 13.87
CA ALA B 165 7.08 -14.43 13.25
C ALA B 165 6.27 -14.31 11.94
N PHE B 166 6.70 -15.07 10.94
CA PHE B 166 6.02 -15.21 9.68
C PHE B 166 5.65 -16.65 9.48
N VAL B 167 4.37 -16.86 9.14
CA VAL B 167 3.87 -18.16 8.69
C VAL B 167 3.42 -18.05 7.22
N CYS B 168 4.00 -18.88 6.34
CA CYS B 168 3.62 -18.99 4.92
C CYS B 168 2.75 -20.20 4.59
N LEU B 169 1.46 -19.96 4.39
CA LEU B 169 0.59 -20.89 3.70
C LEU B 169 1.02 -20.86 2.26
N PRO B 170 0.61 -21.88 1.50
CA PRO B 170 0.92 -21.91 0.10
C PRO B 170 0.57 -20.62 -0.61
N GLY B 171 1.48 -20.14 -1.44
CA GLY B 171 1.20 -18.91 -2.20
C GLY B 171 2.12 -18.70 -3.37
N GLY B 172 1.87 -17.62 -4.09
CA GLY B 172 2.56 -17.31 -5.31
C GLY B 172 3.70 -16.39 -5.01
N PHE B 173 3.94 -15.43 -5.89
CA PHE B 173 5.17 -14.66 -5.83
C PHE B 173 5.20 -13.65 -4.69
N GLY B 174 4.03 -13.13 -4.34
CA GLY B 174 3.95 -12.24 -3.21
C GLY B 174 4.32 -12.93 -1.89
N THR B 175 3.93 -14.20 -1.76
CA THR B 175 4.29 -14.98 -0.57
C THR B 175 5.75 -15.28 -0.59
N LEU B 176 6.24 -15.74 -1.74
CA LEU B 176 7.66 -16.07 -1.89
C LEU B 176 8.54 -14.87 -1.60
N ASP B 177 8.12 -13.70 -2.07
CA ASP B 177 8.89 -12.48 -1.88
C ASP B 177 9.06 -12.16 -0.39
N GLU B 178 8.01 -12.39 0.38
CA GLU B 178 8.04 -12.12 1.82
C GLU B 178 8.88 -13.17 2.56
N LEU B 179 8.81 -14.41 2.10
CA LEU B 179 9.55 -15.48 2.71
C LEU B 179 11.07 -15.25 2.57
N PHE B 180 11.52 -14.89 1.37
CA PHE B 180 12.96 -14.72 1.21
C PHE B 180 13.50 -13.40 1.84
N GLU B 181 12.66 -12.37 1.91
CA GLU B 181 12.97 -11.18 2.70
C GLU B 181 13.23 -11.51 4.15
N VAL B 182 12.30 -12.20 4.80
CA VAL B 182 12.54 -12.68 6.18
C VAL B 182 13.74 -13.67 6.38
N LEU B 183 13.86 -14.65 5.50
CA LEU B 183 15.05 -15.48 5.50
C LEU B 183 16.34 -14.65 5.49
N CYS B 184 16.39 -13.60 4.69
N CYS B 184 16.38 -13.63 4.64
CA CYS B 184 17.57 -12.76 4.56
CA CYS B 184 17.48 -12.66 4.57
C CYS B 184 17.79 -11.79 5.76
C CYS B 184 17.76 -12.02 5.89
N MET B 185 16.71 -11.37 6.40
CA MET B 185 16.77 -10.56 7.62
C MET B 185 17.28 -11.39 8.79
N VAL B 186 16.90 -12.67 8.80
CA VAL B 186 17.26 -13.55 9.88
C VAL B 186 18.75 -13.85 9.63
N GLN B 187 19.08 -14.14 8.41
CA GLN B 187 20.44 -14.53 8.10
C GLN B 187 21.45 -13.44 8.45
N THR B 188 21.06 -12.20 8.28
CA THR B 188 21.98 -11.07 8.43
C THR B 188 21.93 -10.41 9.81
N GLY B 189 21.07 -10.92 10.69
CA GLY B 189 20.96 -10.50 12.05
C GLY B 189 20.10 -9.26 12.22
N LYS B 190 19.40 -8.85 11.19
CA LYS B 190 18.60 -7.63 11.29
C LYS B 190 17.35 -7.84 12.06
N VAL B 191 16.89 -9.08 12.13
CA VAL B 191 15.87 -9.45 13.11
C VAL B 191 16.40 -10.66 13.84
N THR B 192 15.84 -10.86 15.01
CA THR B 192 16.29 -11.91 15.91
C THR B 192 15.06 -12.59 16.56
N ASN B 193 15.19 -13.86 16.93
CA ASN B 193 14.07 -14.59 17.57
C ASN B 193 12.80 -14.50 16.71
N PHE B 194 12.99 -14.71 15.41
CA PHE B 194 11.92 -14.40 14.44
C PHE B 194 11.60 -15.66 13.66
N PRO B 195 10.73 -16.50 14.22
CA PRO B 195 10.48 -17.79 13.58
C PRO B 195 9.78 -17.72 12.23
N ILE B 196 10.10 -18.68 11.37
CA ILE B 196 9.59 -18.79 9.99
C ILE B 196 9.07 -20.20 9.84
N VAL B 197 7.76 -20.30 9.60
CA VAL B 197 7.08 -21.55 9.34
C VAL B 197 6.43 -21.61 7.97
N LEU B 198 6.62 -22.71 7.25
CA LEU B 198 5.89 -23.03 6.03
C LEU B 198 4.88 -24.14 6.27
N ILE B 199 3.63 -23.87 5.95
CA ILE B 199 2.51 -24.77 6.10
C ILE B 199 2.19 -25.42 4.76
N GLY B 200 2.32 -26.74 4.69
CA GLY B 200 2.10 -27.47 3.47
C GLY B 200 3.36 -28.21 3.11
N THR B 201 3.51 -29.45 3.58
CA THR B 201 4.72 -30.22 3.34
C THR B 201 4.81 -30.58 1.87
N GLU B 202 3.70 -30.99 1.27
CA GLU B 202 3.74 -31.37 -0.13
C GLU B 202 4.01 -30.17 -0.98
N PHE B 203 3.27 -29.12 -0.76
CA PHE B 203 3.44 -27.91 -1.58
C PHE B 203 4.87 -27.35 -1.55
N TRP B 204 5.49 -27.27 -0.37
CA TRP B 204 6.75 -26.54 -0.23
C TRP B 204 7.92 -27.45 -0.46
N ALA B 205 7.70 -28.77 -0.45
CA ALA B 205 8.85 -29.72 -0.50
C ALA B 205 9.87 -29.40 -1.55
N GLY B 206 9.41 -29.16 -2.77
CA GLY B 206 10.37 -29.05 -3.84
C GLY B 206 11.22 -27.78 -3.76
N LEU B 207 10.64 -26.69 -3.23
CA LEU B 207 11.43 -25.46 -2.97
C LEU B 207 12.48 -25.72 -1.99
N VAL B 208 12.07 -26.31 -0.89
CA VAL B 208 13.02 -26.66 0.16
C VAL B 208 14.13 -27.59 -0.30
N ASP B 209 13.80 -28.54 -1.16
N ASP B 209 13.79 -28.52 -1.17
CA ASP B 209 14.81 -29.48 -1.68
CA ASP B 209 14.79 -29.46 -1.71
C ASP B 209 15.84 -28.76 -2.60
C ASP B 209 15.84 -28.75 -2.59
N TRP B 210 15.36 -27.81 -3.40
CA TRP B 210 16.25 -27.00 -4.27
C TRP B 210 17.18 -26.14 -3.43
N ILE B 211 16.62 -25.45 -2.45
CA ILE B 211 17.40 -24.62 -1.54
C ILE B 211 18.45 -25.45 -0.90
N ARG B 212 17.99 -26.54 -0.32
CA ARG B 212 18.77 -27.39 0.49
C ARG B 212 19.87 -28.09 -0.27
N HIS B 213 19.76 -28.17 -1.58
CA HIS B 213 20.74 -28.86 -2.38
C HIS B 213 21.53 -27.96 -3.36
N ARG B 214 20.84 -27.14 -4.10
CA ARG B 214 21.50 -26.13 -4.90
C ARG B 214 22.22 -25.06 -4.06
N LEU B 215 21.49 -24.30 -3.27
CA LEU B 215 22.05 -23.20 -2.52
C LEU B 215 23.07 -23.59 -1.47
N VAL B 216 22.78 -24.62 -0.68
CA VAL B 216 23.71 -25.10 0.31
C VAL B 216 24.94 -25.66 -0.38
N GLU B 217 24.78 -26.45 -1.44
CA GLU B 217 25.95 -27.16 -2.04
C GLU B 217 26.86 -26.23 -2.76
N GLU B 218 26.27 -25.24 -3.43
CA GLU B 218 27.05 -24.23 -4.07
C GLU B 218 27.57 -23.18 -3.09
N GLY B 219 27.27 -23.34 -1.83
CA GLY B 219 27.83 -22.46 -0.84
C GLY B 219 27.25 -21.08 -0.75
N MET B 220 26.02 -20.94 -1.20
CA MET B 220 25.35 -19.67 -1.18
C MET B 220 24.58 -19.36 0.07
N ILE B 221 24.29 -20.38 0.85
CA ILE B 221 23.82 -20.22 2.19
C ILE B 221 24.44 -21.29 3.02
N ASP B 222 24.43 -21.12 4.34
CA ASP B 222 24.79 -22.17 5.28
C ASP B 222 23.57 -23.08 5.52
N GLU B 223 23.84 -24.35 5.79
CA GLU B 223 22.76 -25.28 6.10
C GLU B 223 21.78 -24.83 7.21
N LYS B 224 22.24 -24.13 8.26
CA LYS B 224 21.32 -23.69 9.31
C LYS B 224 20.34 -22.66 8.83
N ASP B 225 20.69 -22.00 7.74
CA ASP B 225 19.88 -20.97 7.22
C ASP B 225 18.61 -21.56 6.68
N VAL B 226 18.61 -22.79 6.25
CA VAL B 226 17.39 -23.39 5.78
C VAL B 226 16.76 -24.29 6.81
N ASP B 227 17.58 -24.96 7.61
CA ASP B 227 17.08 -25.86 8.63
C ASP B 227 16.27 -25.13 9.67
N ARG B 228 16.55 -23.87 9.90
CA ARG B 228 15.89 -23.13 10.94
C ARG B 228 14.39 -23.00 10.70
N MET B 229 13.97 -23.07 9.46
CA MET B 229 12.55 -22.94 9.30
C MET B 229 11.82 -24.23 9.48
N LEU B 230 10.64 -24.10 9.99
CA LEU B 230 9.75 -25.23 10.14
C LEU B 230 8.86 -25.47 8.92
N VAL B 231 8.84 -26.68 8.41
CA VAL B 231 7.92 -27.08 7.36
C VAL B 231 7.00 -28.19 7.86
N THR B 232 5.71 -27.91 7.93
CA THR B 232 4.84 -28.83 8.62
C THR B 232 3.40 -28.71 8.16
N ASP B 233 2.59 -29.76 8.39
CA ASP B 233 1.15 -29.66 8.24
C ASP B 233 0.45 -29.63 9.59
N ASP B 234 1.18 -29.68 10.68
CA ASP B 234 0.61 -29.75 11.98
C ASP B 234 0.61 -28.35 12.56
N LEU B 235 -0.58 -27.77 12.73
CA LEU B 235 -0.76 -26.38 13.13
C LEU B 235 -0.41 -26.12 14.58
N ASP B 236 -0.70 -27.08 15.45
CA ASP B 236 -0.30 -26.89 16.85
C ASP B 236 1.21 -26.96 16.97
N GLN B 237 1.84 -27.84 16.19
CA GLN B 237 3.30 -27.88 16.15
C GLN B 237 3.88 -26.53 15.63
N ALA B 238 3.19 -25.88 14.70
CA ALA B 238 3.61 -24.57 14.16
C ALA B 238 3.54 -23.48 15.22
N VAL B 239 2.41 -23.41 15.90
CA VAL B 239 2.27 -22.48 16.98
C VAL B 239 3.28 -22.71 18.13
N LYS B 240 3.52 -23.97 18.49
CA LYS B 240 4.39 -24.22 19.60
C LYS B 240 5.80 -23.92 19.17
N PHE B 241 6.10 -24.13 17.87
CA PHE B 241 7.42 -23.67 17.32
C PHE B 241 7.67 -22.16 17.57
N ILE B 242 6.60 -21.39 17.35
CA ILE B 242 6.67 -19.95 17.48
C ILE B 242 6.74 -19.56 18.93
N VAL B 243 5.85 -20.15 19.74
CA VAL B 243 5.90 -19.87 21.17
C VAL B 243 7.28 -20.13 21.78
N ASP B 244 7.85 -21.25 21.43
CA ASP B 244 9.10 -21.64 21.98
C ASP B 244 10.16 -20.70 21.55
N ALA B 245 10.15 -20.28 20.30
CA ALA B 245 11.21 -19.33 19.86
C ALA B 245 11.08 -17.95 20.56
N HIS B 246 9.88 -17.57 20.99
CA HIS B 246 9.65 -16.37 21.76
C HIS B 246 9.74 -16.54 23.29
N ALA B 247 10.13 -17.70 23.76
CA ALA B 247 10.14 -18.00 25.22
C ALA B 247 10.96 -17.01 26.07
N GLY B 248 10.35 -16.51 27.14
CA GLY B 248 10.92 -15.42 27.93
C GLY B 248 11.10 -14.07 27.21
N LEU B 249 10.52 -13.95 26.01
CA LEU B 249 10.57 -12.77 25.15
C LEU B 249 11.92 -12.54 24.53
N HIS C 40 5.82 11.13 28.26
CA HIS C 40 4.80 10.02 28.16
C HIS C 40 4.83 9.31 26.82
N ASN C 41 4.83 10.09 25.75
CA ASN C 41 4.83 9.53 24.41
C ASN C 41 5.17 10.61 23.43
N TRP C 42 5.95 10.22 22.45
CA TRP C 42 6.13 11.05 21.29
C TRP C 42 4.80 11.29 20.67
N LYS C 43 3.95 10.27 20.67
CA LYS C 43 2.68 10.31 19.98
C LYS C 43 1.72 11.36 20.48
N HIS C 44 1.91 11.80 21.68
CA HIS C 44 0.99 12.72 22.28
C HIS C 44 1.67 14.08 22.44
N ALA C 45 2.22 14.63 21.35
CA ALA C 45 2.98 15.87 21.37
C ALA C 45 3.02 16.49 19.99
N ASP C 46 3.38 17.74 19.93
CA ASP C 46 3.17 18.55 18.77
C ASP C 46 3.98 18.05 17.56
N PRO C 47 5.17 17.47 17.74
CA PRO C 47 5.89 17.11 16.49
C PRO C 47 5.18 16.04 15.73
N TRP C 48 4.73 15.04 16.47
CA TRP C 48 3.93 13.99 15.89
C TRP C 48 2.57 14.45 15.41
N ARG C 49 1.96 15.36 16.15
N ARG C 49 1.95 15.35 16.15
CA ARG C 49 0.68 15.90 15.70
CA ARG C 49 0.66 15.91 15.70
C ARG C 49 0.78 16.59 14.31
C ARG C 49 0.77 16.59 14.31
N VAL C 50 1.83 17.38 14.12
CA VAL C 50 2.07 18.06 12.82
C VAL C 50 2.29 17.03 11.69
N LEU C 51 3.06 15.98 11.96
CA LEU C 51 3.22 14.89 10.98
C LEU C 51 1.89 14.22 10.66
N ARG C 52 1.10 13.95 11.70
CA ARG C 52 -0.19 13.31 11.53
C ARG C 52 -1.12 14.19 10.72
N ILE C 53 -1.15 15.46 11.08
CA ILE C 53 -1.92 16.47 10.28
C ILE C 53 -1.53 16.46 8.80
N GLN C 54 -0.23 16.50 8.51
CA GLN C 54 0.26 16.50 7.17
C GLN C 54 -0.20 15.25 6.47
N SER C 55 -0.19 14.18 7.18
CA SER C 55 -0.55 12.86 6.65
C SER C 55 -1.99 12.81 6.19
N GLU C 56 -2.86 13.43 6.95
CA GLU C 56 -4.24 13.42 6.61
C GLU C 56 -4.56 14.30 5.39
N PHE C 57 -3.88 15.47 5.26
CA PHE C 57 -4.03 16.28 4.08
C PHE C 57 -3.51 15.54 2.89
N VAL C 58 -2.32 14.97 3.00
CA VAL C 58 -1.77 14.25 1.88
C VAL C 58 -2.67 13.12 1.39
N ALA C 59 -3.14 12.24 2.28
CA ALA C 59 -4.02 11.12 1.95
C ALA C 59 -5.37 11.56 1.38
N GLY C 60 -5.87 12.66 1.90
CA GLY C 60 -7.14 13.18 1.42
C GLY C 60 -6.97 13.78 0.01
N PHE C 61 -5.90 14.57 -0.20
CA PHE C 61 -5.66 15.24 -1.49
C PHE C 61 -5.37 14.15 -2.55
N ASP C 62 -4.61 13.13 -2.14
CA ASP C 62 -4.30 12.04 -2.99
C ASP C 62 -5.49 11.19 -3.44
N ALA C 63 -6.33 10.83 -2.51
CA ALA C 63 -7.48 9.98 -2.78
C ALA C 63 -8.61 10.71 -3.55
N LEU C 64 -8.73 12.02 -3.36
CA LEU C 64 -9.90 12.76 -3.92
C LEU C 64 -9.48 13.58 -5.11
N HIS C 65 -8.20 13.53 -5.44
CA HIS C 65 -7.70 14.41 -6.49
C HIS C 65 -8.51 14.22 -7.77
N GLU C 66 -8.80 13.00 -8.10
CA GLU C 66 -9.47 12.72 -9.36
C GLU C 66 -10.98 12.82 -9.35
N MET C 67 -11.56 13.27 -8.26
CA MET C 67 -13.04 13.25 -8.11
C MET C 67 -13.73 13.90 -9.31
N PRO C 68 -14.80 13.28 -9.77
CA PRO C 68 -15.69 13.95 -10.70
C PRO C 68 -16.54 15.03 -9.99
N LYS C 69 -17.33 15.76 -10.74
CA LYS C 69 -18.18 16.78 -10.11
C LYS C 69 -19.05 16.16 -8.99
N ALA C 70 -19.28 16.92 -7.92
CA ALA C 70 -19.79 16.40 -6.67
C ALA C 70 -20.55 17.43 -5.87
N VAL C 71 -21.55 16.94 -5.11
CA VAL C 71 -22.28 17.67 -4.14
C VAL C 71 -22.07 17.02 -2.78
N THR C 72 -21.85 17.84 -1.76
CA THR C 72 -21.82 17.42 -0.39
C THR C 72 -23.20 17.58 0.23
N VAL C 73 -23.66 16.55 0.89
CA VAL C 73 -24.99 16.63 1.63
C VAL C 73 -24.70 16.38 3.14
N PHE C 74 -25.28 17.21 4.00
CA PHE C 74 -25.12 17.19 5.43
C PHE C 74 -26.55 17.05 5.97
N GLY C 75 -26.64 16.51 7.18
CA GLY C 75 -27.89 16.46 7.94
C GLY C 75 -27.68 15.57 9.15
N SER C 76 -28.66 15.57 10.05
CA SER C 76 -28.56 14.96 11.41
C SER C 76 -28.23 13.48 11.37
N ALA C 77 -27.24 13.09 12.16
CA ALA C 77 -26.86 11.67 12.35
C ALA C 77 -27.94 10.91 13.11
N ARG C 78 -28.91 11.60 13.70
CA ARG C 78 -29.76 10.93 14.63
C ARG C 78 -31.06 10.46 14.05
N ILE C 79 -31.43 10.92 12.86
CA ILE C 79 -32.73 10.63 12.34
C ILE C 79 -32.70 9.18 11.84
N LYS C 80 -33.77 8.44 12.05
CA LYS C 80 -33.83 7.05 11.61
C LYS C 80 -34.52 6.87 10.24
N GLU C 81 -34.41 5.65 9.73
CA GLU C 81 -34.67 5.38 8.37
C GLU C 81 -36.15 5.42 8.02
N ASP C 82 -37.01 5.57 9.01
CA ASP C 82 -38.41 5.56 8.76
C ASP C 82 -38.97 6.95 8.83
N HIS C 83 -38.11 7.95 9.04
CA HIS C 83 -38.57 9.32 9.17
C HIS C 83 -38.72 9.91 7.77
N PRO C 84 -39.66 10.84 7.54
CA PRO C 84 -39.73 11.45 6.17
C PRO C 84 -38.41 12.08 5.66
N TYR C 85 -37.68 12.83 6.49
CA TYR C 85 -36.38 13.34 6.11
C TYR C 85 -35.43 12.31 5.58
N TYR C 86 -35.40 11.14 6.21
CA TYR C 86 -34.57 10.03 5.73
C TYR C 86 -34.98 9.68 4.29
N LYS C 87 -36.28 9.58 4.07
CA LYS C 87 -36.75 9.17 2.74
C LYS C 87 -36.40 10.25 1.66
N ALA C 88 -36.58 11.50 2.05
CA ALA C 88 -36.14 12.64 1.26
C ALA C 88 -34.62 12.55 0.94
N GLY C 89 -33.82 12.29 1.96
CA GLY C 89 -32.35 12.13 1.74
C GLY C 89 -32.02 11.05 0.71
N VAL C 90 -32.74 9.93 0.74
CA VAL C 90 -32.48 8.83 -0.22
C VAL C 90 -32.76 9.26 -1.68
N GLU C 91 -33.92 9.90 -1.87
CA GLU C 91 -34.38 10.44 -3.13
C GLU C 91 -33.43 11.52 -3.65
N LEU C 92 -32.95 12.37 -2.76
CA LEU C 92 -31.96 13.37 -3.12
C LEU C 92 -30.67 12.73 -3.67
N GLY C 93 -30.24 11.68 -3.03
CA GLY C 93 -29.01 11.03 -3.50
C GLY C 93 -29.24 10.44 -4.87
N GLU C 94 -30.39 9.79 -5.02
CA GLU C 94 -30.78 9.22 -6.33
C GLU C 94 -30.81 10.30 -7.44
N LYS C 95 -31.45 11.44 -7.18
CA LYS C 95 -31.60 12.52 -8.17
C LYS C 95 -30.30 13.22 -8.46
N LEU C 96 -29.44 13.37 -7.45
CA LEU C 96 -28.12 13.94 -7.70
C LEU C 96 -27.33 13.06 -8.65
N VAL C 97 -27.45 11.75 -8.52
CA VAL C 97 -26.65 10.84 -9.37
C VAL C 97 -27.21 10.84 -10.79
N ALA C 98 -28.52 11.02 -10.94
CA ALA C 98 -29.18 11.16 -12.26
C ALA C 98 -28.76 12.47 -12.90
N ALA C 99 -28.33 13.45 -12.11
CA ALA C 99 -27.76 14.65 -12.69
C ALA C 99 -26.28 14.56 -12.86
N ASP C 100 -25.72 13.36 -12.81
CA ASP C 100 -24.30 13.09 -12.96
C ASP C 100 -23.39 13.69 -11.87
N TYR C 101 -23.91 13.81 -10.65
CA TYR C 101 -23.04 14.24 -9.49
C TYR C 101 -22.64 13.06 -8.63
N ALA C 102 -21.41 13.03 -8.18
CA ALA C 102 -21.05 12.25 -6.98
C ALA C 102 -21.69 12.87 -5.75
N VAL C 103 -22.02 12.05 -4.75
CA VAL C 103 -22.65 12.49 -3.55
C VAL C 103 -21.69 12.18 -2.42
N VAL C 104 -21.27 13.22 -1.72
CA VAL C 104 -20.31 13.18 -0.64
C VAL C 104 -21.01 13.49 0.67
N THR C 105 -20.77 12.66 1.70
CA THR C 105 -21.30 12.93 3.05
C THR C 105 -20.23 12.78 4.10
N GLY C 106 -20.56 13.12 5.35
CA GLY C 106 -19.76 12.71 6.49
C GLY C 106 -19.66 11.21 6.81
N GLY C 107 -20.35 10.36 6.04
CA GLY C 107 -20.21 8.89 6.13
C GLY C 107 -20.77 8.21 7.39
N GLY C 108 -21.55 8.91 8.18
CA GLY C 108 -22.20 8.39 9.33
C GLY C 108 -23.65 7.98 9.10
N PRO C 109 -24.39 7.81 10.19
CA PRO C 109 -25.75 7.27 10.10
C PRO C 109 -26.82 8.37 9.83
N GLY C 110 -28.10 8.04 9.86
CA GLY C 110 -29.15 9.07 9.78
C GLY C 110 -29.18 9.80 8.42
N LEU C 111 -29.13 11.12 8.43
CA LEU C 111 -29.27 11.82 7.16
C LEU C 111 -27.96 12.00 6.41
N MET C 112 -26.87 11.43 6.92
CA MET C 112 -25.71 11.19 6.08
C MET C 112 -25.82 9.88 5.31
N GLU C 113 -26.27 8.80 5.96
CA GLU C 113 -26.42 7.57 5.27
C GLU C 113 -27.47 7.64 4.18
N ALA C 114 -28.54 8.39 4.38
CA ALA C 114 -29.64 8.38 3.43
C ALA C 114 -29.18 8.78 1.98
N PRO C 115 -28.42 9.87 1.87
CA PRO C 115 -28.11 10.20 0.49
C PRO C 115 -27.05 9.27 -0.01
N ASN C 116 -26.28 8.62 0.86
CA ASN C 116 -25.24 7.66 0.37
C ASN C 116 -26.00 6.43 -0.22
N LYS C 117 -27.01 5.99 0.51
CA LYS C 117 -27.88 4.92 0.05
C LYS C 117 -28.47 5.25 -1.31
N GLY C 118 -29.20 6.37 -1.39
CA GLY C 118 -29.71 6.85 -2.69
C GLY C 118 -28.74 6.76 -3.82
N ALA C 119 -27.56 7.38 -3.65
CA ALA C 119 -26.54 7.42 -4.68
C ALA C 119 -25.97 6.06 -5.04
N SER C 120 -25.66 5.25 -4.03
CA SER C 120 -25.03 3.96 -4.25
C SER C 120 -26.00 3.06 -5.01
N GLU C 121 -27.23 3.02 -4.54
CA GLU C 121 -28.22 2.15 -5.12
C GLU C 121 -28.66 2.60 -6.52
N ALA C 122 -28.35 3.85 -6.92
CA ALA C 122 -28.50 4.27 -8.34
C ALA C 122 -27.26 4.10 -9.12
N ASN C 123 -26.31 3.30 -8.65
CA ASN C 123 -25.06 3.14 -9.42
C ASN C 123 -24.28 4.39 -9.63
N GLY C 124 -24.39 5.37 -8.72
CA GLY C 124 -23.56 6.55 -8.77
C GLY C 124 -22.39 6.45 -7.78
N LEU C 125 -21.54 7.46 -7.75
CA LEU C 125 -20.41 7.47 -6.81
C LEU C 125 -20.85 8.06 -5.45
N SER C 126 -20.80 7.19 -4.43
CA SER C 126 -21.11 7.58 -3.07
C SER C 126 -19.87 7.63 -2.19
N VAL C 127 -19.64 8.80 -1.64
CA VAL C 127 -18.39 9.10 -0.91
C VAL C 127 -18.74 9.41 0.51
N GLY C 128 -17.90 8.94 1.43
CA GLY C 128 -18.03 9.18 2.88
C GLY C 128 -16.69 9.58 3.48
N LEU C 129 -16.68 10.77 4.07
CA LEU C 129 -15.44 11.28 4.69
C LEU C 129 -15.76 11.36 6.14
N GLY C 130 -15.39 10.29 6.86
CA GLY C 130 -15.74 10.19 8.25
C GLY C 130 -14.83 10.93 9.19
N ILE C 131 -15.35 11.14 10.39
CA ILE C 131 -14.59 11.68 11.49
C ILE C 131 -14.48 10.60 12.56
N GLU C 132 -13.28 10.34 13.04
CA GLU C 132 -13.10 9.26 13.98
C GLU C 132 -13.64 9.69 15.30
N LEU C 133 -14.60 8.93 15.78
CA LEU C 133 -15.21 9.25 17.03
C LEU C 133 -15.39 8.04 17.94
N PRO C 134 -15.25 8.34 19.30
CA PRO C 134 -15.56 7.20 20.18
C PRO C 134 -16.86 6.50 19.88
N HIS C 135 -16.79 5.21 19.69
CA HIS C 135 -17.98 4.43 19.45
C HIS C 135 -18.53 4.70 18.05
N HIS C 138 -18.00 3.13 12.51
CA HIS C 138 -17.56 2.91 11.15
C HIS C 138 -18.36 3.70 10.12
N LEU C 139 -17.82 3.79 8.92
CA LEU C 139 -18.56 4.43 7.84
C LEU C 139 -19.84 3.68 7.62
N ASN C 140 -20.88 4.31 7.09
CA ASN C 140 -22.14 3.59 6.87
C ASN C 140 -21.96 2.59 5.71
N PRO C 141 -22.83 1.58 5.59
CA PRO C 141 -22.54 0.53 4.58
C PRO C 141 -22.78 0.94 3.10
N TYR C 142 -23.28 2.15 2.86
CA TYR C 142 -23.50 2.61 1.52
C TYR C 142 -22.39 3.50 0.96
N VAL C 143 -21.32 3.63 1.70
CA VAL C 143 -20.22 4.41 1.28
C VAL C 143 -19.37 3.56 0.41
N ASP C 144 -19.12 3.97 -0.81
N ASP C 144 -19.27 3.95 -0.87
CA ASP C 144 -18.32 3.17 -1.69
CA ASP C 144 -18.41 3.32 -1.88
C ASP C 144 -16.90 3.73 -1.91
C ASP C 144 -16.94 3.68 -1.60
N LEU C 145 -16.65 4.98 -1.51
CA LEU C 145 -15.26 5.49 -1.42
C LEU C 145 -15.21 6.18 -0.04
N GLY C 146 -14.58 5.52 0.93
CA GLY C 146 -14.59 5.96 2.35
C GLY C 146 -13.20 6.41 2.72
N LEU C 147 -13.08 7.51 3.45
CA LEU C 147 -11.84 7.82 4.12
C LEU C 147 -12.27 8.22 5.52
N ASN C 148 -11.33 8.11 6.43
N ASN C 148 -11.34 8.09 6.43
CA ASN C 148 -11.55 8.40 7.83
CA ASN C 148 -11.61 8.48 7.79
C ASN C 148 -10.51 9.40 8.37
C ASN C 148 -10.54 9.42 8.32
N PHE C 149 -10.97 10.45 9.03
CA PHE C 149 -10.12 11.54 9.46
C PHE C 149 -10.18 11.66 10.97
N ARG C 150 -9.02 11.78 11.56
CA ARG C 150 -8.89 12.19 12.93
C ARG C 150 -9.19 13.70 13.17
N TYR C 151 -8.81 14.57 12.24
CA TYR C 151 -8.80 15.99 12.46
C TYR C 151 -10.00 16.61 11.74
N PHE C 152 -10.93 17.14 12.51
CA PHE C 152 -12.13 17.82 12.01
C PHE C 152 -11.78 18.83 10.92
N PHE C 153 -10.68 19.56 11.11
CA PHE C 153 -10.32 20.62 10.19
C PHE C 153 -9.83 20.12 8.85
N ALA C 154 -9.16 18.97 8.82
CA ALA C 154 -8.83 18.37 7.55
C ALA C 154 -10.02 17.87 6.80
N ARG C 155 -10.88 17.17 7.51
CA ARG C 155 -12.07 16.69 6.90
C ARG C 155 -12.89 17.85 6.27
N LYS C 156 -13.03 18.98 6.97
CA LYS C 156 -13.85 20.11 6.47
C LYS C 156 -13.23 20.74 5.22
N THR C 157 -11.90 20.78 5.11
CA THR C 157 -11.28 21.23 3.92
C THR C 157 -11.69 20.37 2.70
N MET C 158 -11.78 19.03 2.86
CA MET C 158 -12.02 18.14 1.74
C MET C 158 -13.40 18.42 1.18
N PHE C 159 -14.38 18.76 2.01
CA PHE C 159 -15.74 19.07 1.49
C PHE C 159 -15.76 20.27 0.56
N LEU C 160 -14.99 21.32 0.91
CA LEU C 160 -14.94 22.53 0.14
C LEU C 160 -14.08 22.34 -1.11
N LYS C 161 -13.01 21.60 -0.99
CA LYS C 161 -12.07 21.48 -2.12
C LYS C 161 -12.60 20.52 -3.23
N TYR C 162 -13.33 19.45 -2.88
CA TYR C 162 -13.69 18.40 -3.82
C TYR C 162 -15.16 18.21 -4.06
N SER C 163 -15.98 19.15 -3.66
CA SER C 163 -17.36 19.26 -4.11
C SER C 163 -17.63 20.72 -4.53
N GLN C 164 -18.71 20.97 -5.25
CA GLN C 164 -19.00 22.32 -5.78
C GLN C 164 -20.43 22.80 -5.38
N ALA C 165 -21.03 22.15 -4.41
CA ALA C 165 -22.34 22.58 -3.92
C ALA C 165 -22.53 21.89 -2.60
N PHE C 166 -23.29 22.53 -1.70
N PHE C 166 -23.48 22.41 -1.85
CA PHE C 166 -23.67 21.98 -0.41
CA PHE C 166 -23.73 21.97 -0.55
C PHE C 166 -25.22 21.98 -0.35
C PHE C 166 -25.24 22.00 -0.32
N VAL C 167 -25.76 20.86 0.04
CA VAL C 167 -27.18 20.71 0.40
C VAL C 167 -27.31 20.27 1.84
N CYS C 168 -28.09 21.01 2.62
N CYS C 168 -28.20 20.93 2.55
CA CYS C 168 -28.25 20.67 4.04
CA CYS C 168 -28.31 20.74 3.97
C CYS C 168 -29.65 20.21 4.30
C CYS C 168 -29.68 20.21 4.28
N LEU C 169 -29.79 18.90 4.51
CA LEU C 169 -30.97 18.35 5.14
C LEU C 169 -31.05 18.86 6.59
N PRO C 170 -32.22 18.70 7.20
CA PRO C 170 -32.32 19.13 8.58
C PRO C 170 -31.25 18.50 9.46
N GLY C 171 -30.71 19.30 10.36
CA GLY C 171 -29.73 18.81 11.28
C GLY C 171 -29.40 19.71 12.42
N GLY C 172 -28.45 19.27 13.25
CA GLY C 172 -28.05 19.98 14.44
C GLY C 172 -26.79 20.78 14.22
N PHE C 173 -25.90 20.76 15.21
CA PHE C 173 -24.87 21.74 15.30
C PHE C 173 -23.76 21.44 14.27
N GLY C 174 -23.59 20.18 13.93
CA GLY C 174 -22.55 19.75 12.95
C GLY C 174 -22.95 20.23 11.57
N THR C 175 -24.24 20.14 11.31
CA THR C 175 -24.79 20.66 10.09
C THR C 175 -24.72 22.19 10.00
N LEU C 176 -25.09 22.88 11.07
CA LEU C 176 -25.08 24.32 11.09
C LEU C 176 -23.65 24.81 10.97
N ASP C 177 -22.74 24.09 11.58
CA ASP C 177 -21.29 24.45 11.45
C ASP C 177 -20.85 24.53 9.97
N GLU C 178 -21.13 23.49 9.18
CA GLU C 178 -20.76 23.46 7.70
C GLU C 178 -21.52 24.48 6.94
N LEU C 179 -22.78 24.70 7.32
CA LEU C 179 -23.54 25.73 6.62
C LEU C 179 -22.97 27.08 6.71
N PHE C 180 -22.63 27.54 7.95
CA PHE C 180 -22.11 28.86 8.12
C PHE C 180 -20.67 28.99 7.61
N GLU C 181 -19.95 27.90 7.60
CA GLU C 181 -18.64 27.93 6.93
C GLU C 181 -18.75 28.12 5.42
N VAL C 182 -19.64 27.39 4.75
N VAL C 182 -19.67 27.47 4.73
CA VAL C 182 -19.74 27.58 3.31
CA VAL C 182 -19.74 27.62 3.31
C VAL C 182 -20.26 28.99 3.03
C VAL C 182 -20.28 29.00 3.01
N LEU C 183 -21.23 29.44 3.81
CA LEU C 183 -21.78 30.76 3.62
C LEU C 183 -20.66 31.83 3.72
N CYS C 184 -19.78 31.71 4.70
N CYS C 184 -19.74 31.76 4.69
CA CYS C 184 -18.64 32.63 4.83
CA CYS C 184 -18.58 32.72 4.69
C CYS C 184 -17.57 32.48 3.71
C CYS C 184 -17.71 32.53 3.47
N MET C 185 -17.43 31.27 3.16
CA MET C 185 -16.54 31.02 2.03
C MET C 185 -17.17 31.63 0.77
N VAL C 186 -18.50 31.56 0.65
CA VAL C 186 -19.12 32.18 -0.51
C VAL C 186 -19.01 33.69 -0.42
N GLN C 187 -19.33 34.24 0.74
CA GLN C 187 -19.30 35.69 0.93
C GLN C 187 -17.87 36.26 0.75
N THR C 188 -16.83 35.56 1.18
CA THR C 188 -15.44 36.04 1.05
C THR C 188 -14.86 35.77 -0.33
N GLY C 189 -15.56 35.04 -1.20
CA GLY C 189 -15.00 34.69 -2.52
C GLY C 189 -13.96 33.58 -2.55
N LYS C 190 -13.84 32.80 -1.48
CA LYS C 190 -12.86 31.73 -1.49
C LYS C 190 -13.42 30.57 -2.30
N VAL C 191 -14.75 30.52 -2.50
CA VAL C 191 -15.39 29.65 -3.48
C VAL C 191 -16.32 30.50 -4.30
N THR C 192 -16.56 30.04 -5.50
CA THR C 192 -17.27 30.72 -6.53
C THR C 192 -18.19 29.67 -7.15
N ASN C 193 -19.42 30.06 -7.50
CA ASN C 193 -20.37 29.22 -8.22
C ASN C 193 -20.65 27.97 -7.42
N PHE C 194 -21.00 28.21 -6.16
CA PHE C 194 -21.05 27.13 -5.15
C PHE C 194 -22.43 27.24 -4.54
N PRO C 195 -23.43 26.62 -5.15
CA PRO C 195 -24.81 26.78 -4.64
C PRO C 195 -25.06 26.08 -3.30
N ILE C 196 -26.02 26.60 -2.55
CA ILE C 196 -26.22 26.19 -1.21
C ILE C 196 -27.70 26.01 -1.11
N VAL C 197 -28.11 24.82 -0.74
CA VAL C 197 -29.56 24.54 -0.67
C VAL C 197 -29.95 23.99 0.67
N LEU C 198 -31.07 24.51 1.24
CA LEU C 198 -31.59 23.95 2.49
C LEU C 198 -32.90 23.22 2.16
N ILE C 199 -33.06 22.00 2.64
CA ILE C 199 -34.24 21.19 2.43
C ILE C 199 -35.08 21.11 3.69
N GLY C 200 -36.34 21.49 3.61
CA GLY C 200 -37.21 21.48 4.74
C GLY C 200 -37.58 22.91 5.06
N THR C 201 -38.69 23.36 4.52
CA THR C 201 -39.00 24.77 4.57
C THR C 201 -39.43 25.11 5.98
N GLU C 202 -40.18 24.22 6.58
CA GLU C 202 -40.69 24.42 7.90
C GLU C 202 -39.57 24.33 8.91
N PHE C 203 -38.68 23.38 8.72
CA PHE C 203 -37.56 23.22 9.62
C PHE C 203 -36.68 24.47 9.65
N TRP C 204 -36.34 24.98 8.49
CA TRP C 204 -35.38 26.04 8.37
C TRP C 204 -35.92 27.43 8.52
N ALA C 205 -37.26 27.58 8.50
CA ALA C 205 -37.83 28.94 8.34
C ALA C 205 -37.34 29.90 9.43
N GLY C 206 -37.34 29.46 10.66
CA GLY C 206 -36.98 30.37 11.74
C GLY C 206 -35.53 30.79 11.73
N LEU C 207 -34.65 29.93 11.23
CA LEU C 207 -33.27 30.40 11.09
C LEU C 207 -33.18 31.45 10.00
N VAL C 208 -33.76 31.14 8.85
CA VAL C 208 -33.67 32.08 7.71
C VAL C 208 -34.36 33.43 8.04
N ASP C 209 -35.50 33.40 8.75
N ASP C 209 -35.49 33.38 8.77
CA ASP C 209 -36.16 34.66 9.19
CA ASP C 209 -36.17 34.63 9.22
C ASP C 209 -35.26 35.51 10.11
C ASP C 209 -35.25 35.51 10.10
N TRP C 210 -34.59 34.86 11.04
CA TRP C 210 -33.69 35.58 11.92
C TRP C 210 -32.55 36.18 11.12
N ILE C 211 -31.97 35.39 10.23
CA ILE C 211 -30.87 35.91 9.42
C ILE C 211 -31.31 37.18 8.65
N ARG C 212 -32.49 37.16 8.01
CA ARG C 212 -32.98 38.38 7.31
C ARG C 212 -33.35 39.53 8.26
N HIS C 213 -34.10 39.24 9.29
CA HIS C 213 -34.68 40.32 10.09
C HIS C 213 -33.61 40.88 11.05
N ARG C 214 -32.56 40.13 11.27
CA ARG C 214 -31.62 40.58 12.20
C ARG C 214 -30.25 40.75 11.60
N LEU C 215 -29.69 39.77 10.91
CA LEU C 215 -28.33 40.06 10.41
C LEU C 215 -28.31 41.13 9.26
N VAL C 216 -29.28 41.06 8.37
CA VAL C 216 -29.33 42.03 7.24
C VAL C 216 -29.65 43.40 7.86
N GLU C 217 -30.74 43.43 8.61
CA GLU C 217 -31.18 44.69 9.14
C GLU C 217 -30.10 45.39 9.97
N GLU C 218 -29.22 44.66 10.63
CA GLU C 218 -28.15 45.30 11.39
C GLU C 218 -26.88 45.47 10.61
N GLY C 219 -26.94 45.19 9.29
CA GLY C 219 -25.79 45.28 8.43
C GLY C 219 -24.65 44.24 8.66
N MET C 220 -24.92 43.11 9.28
CA MET C 220 -23.86 42.11 9.53
C MET C 220 -23.51 41.35 8.23
N ILE C 221 -24.54 41.14 7.40
CA ILE C 221 -24.37 40.56 6.06
C ILE C 221 -25.07 41.46 5.07
N ASP C 222 -24.83 41.24 3.79
CA ASP C 222 -25.67 41.86 2.78
C ASP C 222 -26.70 40.90 2.35
N GLU C 223 -27.77 41.47 1.85
CA GLU C 223 -28.93 40.70 1.59
C GLU C 223 -28.73 39.58 0.56
N LYS C 224 -27.85 39.79 -0.39
CA LYS C 224 -27.61 38.74 -1.36
C LYS C 224 -26.90 37.51 -0.69
N ASP C 225 -26.10 37.74 0.36
CA ASP C 225 -25.44 36.63 1.11
C ASP C 225 -26.45 35.58 1.67
N VAL C 226 -27.71 36.01 1.90
CA VAL C 226 -28.75 35.13 2.31
C VAL C 226 -29.74 34.77 1.18
N ASP C 227 -30.07 35.72 0.31
CA ASP C 227 -30.98 35.45 -0.83
C ASP C 227 -30.48 34.40 -1.78
N ARG C 228 -29.17 34.17 -1.83
CA ARG C 228 -28.58 33.20 -2.76
C ARG C 228 -28.75 31.72 -2.40
N MET C 229 -29.15 31.43 -1.15
CA MET C 229 -29.49 30.05 -0.80
C MET C 229 -30.89 29.74 -1.29
N LEU C 230 -31.12 28.54 -1.73
CA LEU C 230 -32.47 28.09 -1.96
C LEU C 230 -32.92 27.34 -0.75
N VAL C 231 -34.13 27.62 -0.28
CA VAL C 231 -34.81 26.81 0.71
C VAL C 231 -36.08 26.16 0.11
N THR C 232 -36.20 24.84 0.09
CA THR C 232 -37.31 24.22 -0.60
C THR C 232 -37.57 22.86 -0.06
N ASP C 233 -38.76 22.33 -0.35
CA ASP C 233 -39.08 20.92 -0.11
C ASP C 233 -39.05 20.08 -1.36
N ASP C 234 -38.84 20.72 -2.52
CA ASP C 234 -38.95 20.02 -3.80
C ASP C 234 -37.52 19.62 -4.19
N LEU C 235 -37.23 18.35 -4.16
CA LEU C 235 -35.91 17.84 -4.46
C LEU C 235 -35.53 18.02 -5.92
N ASP C 236 -36.47 17.91 -6.86
CA ASP C 236 -36.11 18.21 -8.25
C ASP C 236 -35.74 19.66 -8.44
N GLN C 237 -36.46 20.57 -7.80
CA GLN C 237 -36.05 21.95 -7.83
C GLN C 237 -34.67 22.15 -7.24
N ALA C 238 -34.35 21.45 -6.14
CA ALA C 238 -33.03 21.58 -5.51
C ALA C 238 -31.97 21.25 -6.51
N VAL C 239 -32.19 20.14 -7.21
CA VAL C 239 -31.10 19.60 -8.06
C VAL C 239 -30.97 20.50 -9.30
N LYS C 240 -32.10 20.91 -9.85
CA LYS C 240 -32.13 21.93 -10.89
C LYS C 240 -31.49 23.26 -10.53
N PHE C 241 -31.62 23.73 -9.29
CA PHE C 241 -30.96 24.94 -8.87
C PHE C 241 -29.43 24.73 -9.00
N ILE C 242 -28.97 23.60 -8.61
CA ILE C 242 -27.52 23.25 -8.68
C ILE C 242 -27.02 23.13 -10.12
N VAL C 243 -27.68 22.32 -10.91
CA VAL C 243 -27.40 22.22 -12.34
C VAL C 243 -27.32 23.58 -13.05
N ASP C 244 -28.36 24.39 -12.82
CA ASP C 244 -28.42 25.68 -13.42
C ASP C 244 -27.32 26.59 -12.91
N ALA C 245 -27.03 26.52 -11.62
CA ALA C 245 -25.95 27.34 -11.09
C ALA C 245 -24.59 26.95 -11.69
N HIS C 246 -24.42 25.70 -12.11
CA HIS C 246 -23.12 25.22 -12.60
C HIS C 246 -22.99 25.34 -14.11
N ALA C 247 -24.05 25.75 -14.76
CA ALA C 247 -24.08 25.75 -16.20
C ALA C 247 -23.61 27.11 -16.71
N GLY C 248 -23.16 27.13 -17.94
CA GLY C 248 -22.81 28.43 -18.55
C GLY C 248 -21.49 28.94 -17.96
N LEU C 249 -20.66 27.99 -17.46
CA LEU C 249 -19.33 28.26 -16.93
C LEU C 249 -18.27 27.71 -17.87
#